data_6C4W
#
_entry.id   6C4W
#
_cell.length_a   27.968
_cell.length_b   63.715
_cell.length_c   64.322
_cell.angle_alpha   90.00
_cell.angle_beta   90.00
_cell.angle_gamma   90.00
#
_symmetry.space_group_name_H-M   'P 21 21 21'
#
loop_
_entity.id
_entity.type
_entity.pdbx_description
1 polymer 'cytochrome c'
2 non-polymer 'HEME C'
3 water water
#
_entity_poly.entity_id   1
_entity_poly.type   'polypeptide(L)'
_entity_poly.pdbx_seq_one_letter_code
;MAPFEKGSAKKGATLEKTRCLQCHTVEKGGPHKVGPNLHGIFARHSGQAEGYSYTDANIKANVEWTPNNMSEYLENP
(M3L)KYIPGTKMAFGGLKKEKDRNDLVTYMKKATK
;
_entity_poly.pdbx_strand_id   A
#
loop_
_chem_comp.id
_chem_comp.type
_chem_comp.name
_chem_comp.formula
HEC non-polymer 'HEME C' 'C34 H34 Fe N4 O4'
#
# COMPACT_ATOMS: atom_id res chain seq x y z
N MET A 1 15.60 -3.98 2.22
CA MET A 1 14.33 -4.73 2.35
C MET A 1 14.39 -5.63 3.60
N ALA A 2 13.37 -6.46 3.85
CA ALA A 2 13.32 -7.25 5.09
C ALA A 2 12.09 -8.15 5.18
N PRO A 3 12.27 -9.37 5.70
CA PRO A 3 11.21 -10.39 5.70
C PRO A 3 10.04 -10.02 6.59
N PHE A 4 8.83 -10.05 6.02
CA PHE A 4 7.62 -9.71 6.76
C PHE A 4 7.39 -10.70 7.91
N GLU A 5 6.99 -10.15 9.05
CA GLU A 5 6.50 -10.96 10.14
C GLU A 5 5.34 -10.19 10.79
N LYS A 6 4.41 -10.93 11.39
CA LYS A 6 3.25 -10.32 12.04
C LYS A 6 3.65 -9.17 12.95
N GLY A 7 2.82 -8.13 12.98
CA GLY A 7 3.08 -6.97 13.81
C GLY A 7 1.83 -6.56 14.58
N SER A 8 1.80 -5.32 15.07
CA SER A 8 0.66 -4.83 15.81
C SER A 8 -0.34 -4.21 14.83
N ALA A 9 -1.49 -4.87 14.65
CA ALA A 9 -2.60 -4.28 13.91
C ALA A 9 -2.91 -2.89 14.46
N LYS A 10 -2.92 -2.77 15.79
CA LYS A 10 -3.24 -1.52 16.47
C LYS A 10 -2.30 -0.39 16.09
N LYS A 11 -1.01 -0.70 16.06
CA LYS A 11 0.01 0.27 15.67
C LYS A 11 -0.01 0.48 14.15
N GLY A 12 -0.42 -0.56 13.42
CA GLY A 12 -0.62 -0.44 11.98
C GLY A 12 -1.71 0.55 11.63
N ALA A 13 -2.74 0.62 12.47
CA ALA A 13 -3.84 1.56 12.27
C ALA A 13 -3.39 2.99 12.50
N THR A 14 -2.58 3.20 13.53
CA THR A 14 -2.08 4.53 13.84
C THR A 14 -1.14 5.00 12.73
N LEU A 15 -0.39 4.08 12.15
CA LEU A 15 0.54 4.41 11.09
C LEU A 15 -0.17 4.77 9.78
N GLU A 16 -1.33 4.15 9.53
CA GLU A 16 -2.17 4.47 8.37
C GLU A 16 -2.78 5.85 8.52
N LYS A 17 -3.50 6.07 9.61
CA LYS A 17 -4.15 7.36 9.86
C LYS A 17 -3.21 8.53 9.59
N THR A 18 -2.02 8.49 10.17
CA THR A 18 -1.09 9.61 10.12
C THR A 18 -0.22 9.65 8.86
N ARG A 19 -0.08 8.52 8.16
CA ARG A 19 0.81 8.48 6.99
C ARG A 19 0.11 8.15 5.67
N CYS A 20 -1.09 7.56 5.72
CA CYS A 20 -1.77 7.07 4.50
C CYS A 20 -3.18 7.63 4.29
N LEU A 21 -3.90 7.89 5.38
CA LEU A 21 -5.30 8.29 5.28
C LEU A 21 -5.51 9.53 4.39
N GLN A 22 -4.49 10.38 4.27
CA GLN A 22 -4.60 11.65 3.52
C GLN A 22 -4.76 11.44 2.01
N CYS A 23 -4.23 10.32 1.51
CA CYS A 23 -4.21 10.02 0.09
C CYS A 23 -4.98 8.74 -0.25
N HIS A 24 -5.26 7.91 0.75
CA HIS A 24 -6.02 6.68 0.53
C HIS A 24 -7.16 6.47 1.50
N THR A 25 -8.19 5.78 1.00
CA THR A 25 -9.17 5.15 1.85
C THR A 25 -8.91 3.64 1.81
N VAL A 26 -9.54 2.91 2.72
CA VAL A 26 -9.35 1.45 2.81
C VAL A 26 -10.65 0.71 3.02
N GLU A 27 -11.67 1.40 3.52
CA GLU A 27 -13.00 0.82 3.74
C GLU A 27 -13.70 0.51 2.42
N LYS A 28 -14.38 -0.64 2.34
CA LYS A 28 -14.98 -1.05 1.08
C LYS A 28 -16.01 -0.03 0.60
N GLY A 29 -15.92 0.34 -0.68
CA GLY A 29 -16.75 1.40 -1.21
C GLY A 29 -16.14 2.79 -1.04
N GLY A 30 -15.10 2.88 -0.22
CA GLY A 30 -14.41 4.16 -0.02
C GLY A 30 -14.08 4.85 -1.35
N PRO A 31 -14.13 6.19 -1.36
CA PRO A 31 -13.85 6.94 -2.59
C PRO A 31 -12.36 6.97 -2.88
N HIS A 32 -11.98 7.10 -4.13
CA HIS A 32 -10.59 7.40 -4.46
C HIS A 32 -10.28 8.83 -4.04
N LYS A 33 -8.99 9.14 -3.88
CA LYS A 33 -8.57 10.50 -3.54
C LYS A 33 -7.43 10.95 -4.46
N VAL A 34 -6.28 11.31 -3.90
CA VAL A 34 -5.07 11.44 -4.70
C VAL A 34 -4.60 10.01 -5.01
N GLY A 35 -4.89 9.10 -4.09
CA GLY A 35 -4.55 7.71 -4.27
C GLY A 35 -5.81 6.88 -4.41
N PRO A 36 -5.67 5.67 -4.98
CA PRO A 36 -6.82 4.80 -5.05
C PRO A 36 -7.27 4.35 -3.68
N ASN A 37 -8.52 3.91 -3.62
CA ASN A 37 -9.00 3.16 -2.48
C ASN A 37 -8.29 1.79 -2.48
N LEU A 38 -8.00 1.29 -1.27
CA LEU A 38 -7.08 0.16 -1.06
C LEU A 38 -7.78 -1.13 -0.66
N HIS A 39 -9.10 -1.10 -0.58
CA HIS A 39 -9.83 -2.30 -0.22
C HIS A 39 -9.59 -3.44 -1.19
N GLY A 40 -9.38 -4.65 -0.68
CA GLY A 40 -9.07 -5.81 -1.53
C GLY A 40 -7.74 -5.72 -2.28
N ILE A 41 -6.85 -4.83 -1.85
CA ILE A 41 -5.56 -4.64 -2.53
C ILE A 41 -4.80 -5.97 -2.71
N PHE A 42 -4.90 -6.84 -1.71
CA PHE A 42 -4.23 -8.13 -1.74
C PHE A 42 -5.04 -9.16 -2.54
N ALA A 43 -6.17 -8.75 -3.09
CA ALA A 43 -6.97 -9.61 -3.97
C ALA A 43 -6.60 -9.39 -5.43
N ARG A 44 -5.71 -8.42 -5.71
CA ARG A 44 -5.39 -8.05 -7.08
C ARG A 44 -3.94 -7.56 -7.30
N HIS A 45 -3.61 -7.27 -8.55
CA HIS A 45 -2.29 -6.80 -8.95
C HIS A 45 -2.32 -5.28 -9.09
N SER A 46 -1.14 -4.70 -9.22
CA SER A 46 -1.00 -3.25 -9.29
C SER A 46 -1.84 -2.65 -10.44
N GLY A 47 -2.36 -1.45 -10.20
CA GLY A 47 -3.12 -0.68 -11.21
C GLY A 47 -4.45 -1.28 -11.63
N GLN A 48 -5.19 -1.87 -10.69
CA GLN A 48 -6.42 -2.58 -11.06
C GLN A 48 -7.70 -2.03 -10.44
N ALA A 49 -7.58 -1.03 -9.58
CA ALA A 49 -8.74 -0.37 -9.03
C ALA A 49 -9.52 0.25 -10.17
N GLU A 50 -10.77 -0.17 -10.35
CA GLU A 50 -11.59 0.46 -11.35
C GLU A 50 -12.05 1.79 -10.78
N GLY A 51 -11.90 2.84 -11.57
CA GLY A 51 -12.30 4.16 -11.15
C GLY A 51 -11.14 5.11 -10.95
N TYR A 52 -9.91 4.61 -11.07
CA TYR A 52 -8.73 5.45 -10.80
C TYR A 52 -7.78 5.51 -11.98
N SER A 53 -7.29 6.71 -12.27
CA SER A 53 -6.34 6.92 -13.35
C SER A 53 -4.91 6.74 -12.84
N TYR A 54 -4.32 5.60 -13.21
CA TYR A 54 -2.97 5.24 -12.78
C TYR A 54 -1.92 5.74 -13.77
N THR A 55 -0.68 5.84 -13.32
CA THR A 55 0.45 6.01 -14.23
C THR A 55 0.65 4.72 -15.04
N ASP A 56 1.26 4.85 -16.21
CA ASP A 56 1.67 3.67 -16.98
C ASP A 56 2.59 2.81 -16.10
N ALA A 57 3.38 3.47 -15.26
CA ALA A 57 4.32 2.79 -14.37
C ALA A 57 3.62 1.80 -13.46
N ASN A 58 2.69 2.28 -12.63
CA ASN A 58 1.93 1.41 -11.69
C ASN A 58 1.10 0.34 -12.41
N ILE A 59 0.29 0.73 -13.40
CA ILE A 59 -0.48 -0.22 -14.24
C ILE A 59 0.31 -1.42 -14.81
N LYS A 60 1.41 -1.14 -15.52
CA LYS A 60 2.15 -2.17 -16.24
CA LYS A 60 2.15 -2.18 -16.24
C LYS A 60 3.25 -2.84 -15.39
N ALA A 61 3.52 -2.31 -14.21
CA ALA A 61 4.52 -2.93 -13.31
C ALA A 61 4.16 -4.37 -12.94
N ASN A 62 2.86 -4.68 -12.98
CA ASN A 62 2.35 -6.05 -12.77
C ASN A 62 2.85 -6.68 -11.47
N VAL A 63 2.55 -6.03 -10.35
CA VAL A 63 2.98 -6.53 -9.04
C VAL A 63 1.84 -7.32 -8.46
N GLU A 64 2.20 -8.45 -7.85
CA GLU A 64 1.23 -9.36 -7.22
C GLU A 64 1.19 -9.10 -5.72
N TRP A 65 0.23 -8.28 -5.28
CA TRP A 65 0.26 -7.74 -3.92
C TRP A 65 0.16 -8.84 -2.87
N THR A 66 1.05 -8.76 -1.88
CA THR A 66 1.17 -9.75 -0.81
C THR A 66 1.91 -9.04 0.32
N PRO A 67 1.97 -9.65 1.51
CA PRO A 67 2.60 -8.95 2.62
C PRO A 67 4.07 -8.51 2.41
N ASN A 68 4.91 -9.36 1.83
CA ASN A 68 6.32 -8.99 1.62
C ASN A 68 6.50 -8.13 0.37
N ASN A 69 5.54 -8.19 -0.54
CA ASN A 69 5.49 -7.25 -1.66
C ASN A 69 5.10 -5.84 -1.22
N MET A 70 4.16 -5.77 -0.29
CA MET A 70 3.73 -4.49 0.26
C MET A 70 4.88 -3.90 1.09
N SER A 71 5.53 -4.74 1.90
CA SER A 71 6.64 -4.28 2.75
C SER A 71 7.79 -3.66 1.95
N GLU A 72 8.19 -4.32 0.88
CA GLU A 72 9.30 -3.85 0.07
C GLU A 72 8.94 -2.62 -0.78
N TYR A 73 7.66 -2.52 -1.14
CA TYR A 73 7.17 -1.37 -1.89
C TYR A 73 7.16 -0.15 -0.96
N LEU A 74 6.63 -0.34 0.25
CA LEU A 74 6.54 0.72 1.24
C LEU A 74 7.89 1.20 1.79
N GLU A 75 8.94 0.40 1.63
CA GLU A 75 10.27 0.81 2.06
C GLU A 75 10.78 1.95 1.19
N ASN A 76 10.42 1.89 -0.09
CA ASN A 76 10.80 2.92 -1.05
C ASN A 76 9.97 2.71 -2.31
N PRO A 77 8.78 3.33 -2.33
CA PRO A 77 7.84 3.19 -3.44
C PRO A 77 8.49 3.47 -4.79
N M3L A 78 9.15 4.62 -4.89
CA M3L A 78 9.67 5.10 -6.17
CB M3L A 78 10.06 6.58 -6.03
CG M3L A 78 8.92 7.48 -6.55
CD M3L A 78 8.61 8.61 -5.58
CE M3L A 78 7.70 9.66 -6.20
NZ M3L A 78 8.36 10.40 -7.30
C M3L A 78 10.82 4.28 -6.67
O M3L A 78 11.17 4.35 -7.85
CM1 M3L A 78 9.84 10.47 -7.42
CM2 M3L A 78 7.53 11.18 -8.25
CM3 M3L A 78 8.43 11.58 -6.41
N LYS A 79 11.44 3.49 -5.79
CA LYS A 79 12.42 2.50 -6.20
C LYS A 79 11.77 1.19 -6.68
N TYR A 80 10.63 0.84 -6.07
CA TYR A 80 9.89 -0.38 -6.43
C TYR A 80 9.15 -0.27 -7.78
N ILE A 81 8.38 0.80 -7.95
CA ILE A 81 7.70 1.05 -9.24
C ILE A 81 8.17 2.37 -9.83
N PRO A 82 9.32 2.35 -10.52
CA PRO A 82 9.88 3.60 -11.03
C PRO A 82 8.90 4.31 -11.94
N GLY A 83 8.65 5.59 -11.66
CA GLY A 83 7.65 6.35 -12.40
C GLY A 83 6.35 6.58 -11.63
N THR A 84 6.13 5.84 -10.56
CA THR A 84 4.92 5.99 -9.76
C THR A 84 4.76 7.45 -9.32
N LYS A 85 3.52 7.93 -9.30
CA LYS A 85 3.24 9.32 -8.92
C LYS A 85 2.92 9.43 -7.42
N MET A 86 3.13 8.33 -6.70
CA MET A 86 2.96 8.33 -5.25
C MET A 86 4.12 9.03 -4.52
N ALA A 87 3.82 10.18 -3.94
CA ALA A 87 4.80 10.95 -3.20
C ALA A 87 4.89 10.41 -1.80
N PHE A 88 5.74 9.39 -1.61
CA PHE A 88 6.00 8.85 -0.30
C PHE A 88 7.47 8.49 -0.17
N GLY A 89 8.14 9.12 0.79
CA GLY A 89 9.54 8.83 1.04
C GLY A 89 9.73 7.33 1.20
N GLY A 90 9.13 6.79 2.25
CA GLY A 90 9.21 5.37 2.55
C GLY A 90 9.28 5.19 4.05
N LEU A 91 9.22 3.94 4.49
CA LEU A 91 9.36 3.58 5.89
C LEU A 91 10.59 2.72 6.01
N LYS A 92 11.60 3.24 6.73
CA LYS A 92 12.89 2.56 6.87
C LYS A 92 12.78 1.35 7.81
N LYS A 93 12.01 1.52 8.87
CA LYS A 93 11.96 0.56 9.95
C LYS A 93 11.08 -0.62 9.59
N GLU A 94 11.73 -1.77 9.39
CA GLU A 94 11.06 -3.04 9.16
C GLU A 94 9.82 -3.15 10.06
N LYS A 95 10.00 -2.78 11.33
CA LYS A 95 8.95 -2.97 12.33
C LYS A 95 7.74 -2.14 12.00
N ASP A 96 7.95 -0.92 11.50
CA ASP A 96 6.85 -0.03 11.13
C ASP A 96 6.07 -0.57 9.93
N ARG A 97 6.78 -1.22 9.02
CA ARG A 97 6.18 -1.79 7.83
C ARG A 97 5.41 -3.07 8.13
N ASN A 98 5.90 -3.85 9.09
CA ASN A 98 5.24 -5.07 9.50
C ASN A 98 3.97 -4.74 10.28
N ASP A 99 4.03 -3.68 11.09
CA ASP A 99 2.87 -3.14 11.81
C ASP A 99 1.79 -2.62 10.86
N LEU A 100 2.20 -1.89 9.83
CA LEU A 100 1.27 -1.30 8.85
C LEU A 100 0.62 -2.35 7.94
N VAL A 101 1.43 -3.29 7.44
CA VAL A 101 0.93 -4.36 6.56
C VAL A 101 -0.04 -5.27 7.32
N THR A 102 0.26 -5.54 8.59
CA THR A 102 -0.59 -6.41 9.39
C THR A 102 -1.95 -5.76 9.62
N TYR A 103 -1.98 -4.43 9.76
CA TYR A 103 -3.25 -3.72 9.82
C TYR A 103 -3.99 -3.74 8.49
N MET A 104 -3.27 -3.44 7.40
CA MET A 104 -3.85 -3.47 6.05
C MET A 104 -4.50 -4.82 5.74
N LYS A 105 -3.85 -5.94 6.08
CA LYS A 105 -4.39 -7.27 5.77
C LYS A 105 -5.78 -7.50 6.39
N LYS A 106 -6.05 -6.82 7.51
CA LYS A 106 -7.31 -6.98 8.23
C LYS A 106 -8.39 -5.99 7.79
N ALA A 107 -7.98 -4.76 7.50
CA ALA A 107 -8.92 -3.70 7.18
C ALA A 107 -9.37 -3.70 5.70
N THR A 108 -8.62 -4.39 4.83
CA THR A 108 -8.94 -4.46 3.41
C THR A 108 -9.77 -5.69 3.07
N LYS A 109 -10.51 -6.21 4.04
CA LYS A 109 -11.50 -7.26 3.80
C LYS A 109 -12.92 -6.68 3.86
FE HEC B . -0.07 5.39 -1.93
CHA HEC B . -0.53 3.96 -4.98
CHB HEC B . -0.06 2.29 -0.45
CHC HEC B . 0.73 6.82 1.11
CHD HEC B . -0.44 8.51 -3.25
NA HEC B . -0.28 3.53 -2.58
C1A HEC B . -0.41 3.14 -3.90
C2A HEC B . -0.48 1.74 -3.95
C3A HEC B . -0.36 1.26 -2.68
C4A HEC B . -0.23 2.38 -1.82
CMA HEC B . -0.38 -0.18 -2.24
CAA HEC B . -0.68 0.92 -5.21
CBA HEC B . -2.18 0.90 -5.51
CGA HEC B . -2.56 -0.18 -6.49
O1A HEC B . -3.73 -0.65 -6.50
O2A HEC B . -1.73 -0.61 -7.32
NB HEC B . 0.28 4.65 0.00
C1B HEC B . 0.20 3.38 0.37
C2B HEC B . 0.49 3.30 1.76
C3B HEC B . 0.72 4.58 2.20
C4B HEC B . 0.59 5.44 1.03
CMB HEC B . 0.52 2.02 2.56
CAB HEC B . 1.09 5.11 3.52
CBB HEC B . 1.40 4.30 4.52
NC HEC B . 0.11 7.32 -1.20
C1C HEC B . 0.46 7.68 0.06
C2C HEC B . 0.43 9.08 0.18
C3C HEC B . 0.09 9.60 -1.07
C4C HEC B . -0.09 8.47 -1.93
CMC HEC B . 0.74 9.85 1.44
CAC HEC B . -0.06 11.05 -1.44
CBC HEC B . 0.23 12.08 -0.65
ND HEC B . -0.41 6.06 -3.67
C1D HEC B . -0.54 7.36 -4.03
C2D HEC B . -0.78 7.47 -5.47
C3D HEC B . -0.81 6.22 -5.96
C4D HEC B . -0.55 5.34 -4.81
CMD HEC B . -0.97 8.73 -6.27
CAD HEC B . -1.01 5.82 -7.40
CBD HEC B . 0.37 5.44 -7.92
CGD HEC B . 0.59 5.68 -9.39
O1D HEC B . -0.35 5.99 -10.17
O2D HEC B . 1.74 5.56 -9.84
#